data_2VAU
#
_entry.id   2VAU
#
_cell.length_a   46.697
_cell.length_b   71.161
_cell.length_c   100.912
_cell.angle_alpha   90.00
_cell.angle_beta   90.00
_cell.angle_gamma   90.00
#
_symmetry.space_group_name_H-M   'P 21 21 21'
#
loop_
_entity.id
_entity.type
_entity.pdbx_description
1 polymer 'ISOPENICILLIN N SYNTHETASE'
2 non-polymer 'FE (II) ION'
3 non-polymer N6^-[(1R)-2-[(1S)-1-CARBOXY-2-(METHYLSULFANYL)ETHOXY]-2-OXO-1-(SULFANYLMETHYL)ETHYL]-6-OXO-L-LYSINE
4 water water
#
_entity_poly.entity_id   1
_entity_poly.type   'polypeptide(L)'
_entity_poly.pdbx_seq_one_letter_code
;MGSVSKANVPKIDVSPLFGDDQAAKMRVAQQIDAASRDTGFFYAVNHGINVQRLSQKTKEFHMSITPEEKWDLAIRAYNK
EHQDQVRAGYYLSIPGKKAVESFCYLNPNFTPDHPRIQAKTPTHEVNVWPDETKHPGFQDFAEQYYWDVFGLSSALLKGY
ALALGKEENFFARHFKPDDTLASVVLIRYPYLDPYPEAAIKTAADGTKLSFEWHEDVSLITVLYQSNVQNLQVETAAGYQ
DIEADDTGYLINCGSYMAHLTNNYYKAPIHRVKWVNAERQSLPFFVNLGYDSVIDPFDPREPNGKSDREPLSYGDYLQNG
LVSLINKNGQT
;
_entity_poly.pdbx_strand_id   A
#
loop_
_chem_comp.id
_chem_comp.type
_chem_comp.name
_chem_comp.formula
FE2 non-polymer 'FE (II) ION' 'Fe 2'
V20 non-polymer N6^-[(1R)-2-[(1S)-1-CARBOXY-2-(METHYLSULFANYL)ETHOXY]-2-OXO-1-(SULFANYLMETHYL)ETHYL]-6-OXO-L-LYSINE 'C13 H22 N2 O7 S2'
#
# COMPACT_ATOMS: atom_id res chain seq x y z
N SER A 3 -27.38 4.44 -3.16
CA SER A 3 -27.64 5.88 -2.86
C SER A 3 -26.33 6.68 -2.86
N VAL A 4 -25.20 5.98 -2.79
CA VAL A 4 -23.90 6.57 -2.98
C VAL A 4 -23.53 6.39 -4.46
N SER A 5 -23.02 7.39 -5.14
CA SER A 5 -22.66 7.21 -6.54
C SER A 5 -21.30 6.54 -6.70
N LYS A 6 -21.05 5.99 -7.88
CA LYS A 6 -19.83 5.28 -8.24
C LYS A 6 -18.73 6.28 -8.51
N ALA A 7 -17.56 6.05 -7.96
CA ALA A 7 -16.40 6.87 -8.23
C ALA A 7 -15.86 6.59 -9.62
N ASN A 8 -15.40 7.64 -10.28
CA ASN A 8 -14.64 7.48 -11.52
C ASN A 8 -13.28 6.94 -11.30
N VAL A 9 -13.12 5.65 -11.66
CA VAL A 9 -11.85 5.02 -11.50
C VAL A 9 -11.52 4.35 -12.79
N PRO A 10 -10.81 5.06 -13.67
CA PRO A 10 -10.55 4.45 -14.97
C PRO A 10 -9.57 3.29 -14.93
N LYS A 11 -9.69 2.41 -15.91
CA LYS A 11 -8.72 1.36 -16.17
C LYS A 11 -7.69 1.86 -17.16
N ILE A 12 -6.42 1.77 -16.81
CA ILE A 12 -5.33 2.24 -17.64
C ILE A 12 -4.41 1.03 -17.95
N ASP A 13 -4.22 0.78 -19.23
CA ASP A 13 -3.29 -0.24 -19.66
C ASP A 13 -1.92 0.33 -19.49
N VAL A 14 -1.19 -0.21 -18.51
CA VAL A 14 0.17 0.27 -18.14
C VAL A 14 1.28 -0.48 -18.87
N SER A 15 0.92 -1.42 -19.74
CA SER A 15 1.92 -2.22 -20.40
C SER A 15 2.98 -1.39 -21.15
N PRO A 16 2.62 -0.23 -21.78
CA PRO A 16 3.70 0.51 -22.42
C PRO A 16 4.80 1.02 -21.51
N LEU A 17 4.49 1.13 -20.21
CA LEU A 17 5.50 1.56 -19.24
C LEU A 17 6.65 0.56 -19.01
N PHE A 18 6.46 -0.68 -19.42
CA PHE A 18 7.52 -1.68 -19.40
C PHE A 18 8.43 -1.65 -20.60
N GLY A 19 8.08 -0.85 -21.61
CA GLY A 19 8.79 -0.93 -22.92
C GLY A 19 9.50 0.39 -23.26
N ASP A 20 9.78 0.55 -24.55
CA ASP A 20 10.65 1.60 -25.04
C ASP A 20 9.95 2.44 -26.10
N ASP A 21 8.62 2.44 -26.12
CA ASP A 21 7.89 3.30 -27.02
C ASP A 21 7.57 4.60 -26.28
N GLN A 22 8.42 5.61 -26.50
CA GLN A 22 8.32 6.80 -25.63
C GLN A 22 6.99 7.54 -25.79
N ALA A 23 6.47 7.62 -27.00
CA ALA A 23 5.19 8.29 -27.26
C ALA A 23 4.03 7.60 -26.59
N ALA A 24 4.03 6.28 -26.63
CA ALA A 24 3.01 5.48 -25.97
C ALA A 24 3.11 5.62 -24.46
N LYS A 25 4.34 5.74 -23.92
CA LYS A 25 4.48 6.01 -22.47
C LYS A 25 3.87 7.34 -22.12
N MET A 26 4.05 8.35 -22.97
CA MET A 26 3.44 9.67 -22.70
C MET A 26 1.92 9.60 -22.70
N ARG A 27 1.31 8.80 -23.57
CA ARG A 27 -0.14 8.65 -23.59
C ARG A 27 -0.65 7.93 -22.34
N VAL A 28 0.18 7.06 -21.80
CA VAL A 28 -0.15 6.45 -20.47
C VAL A 28 -0.03 7.48 -19.35
N ALA A 29 1.09 8.23 -19.37
CA ALA A 29 1.33 9.33 -18.44
C ALA A 29 0.14 10.31 -18.39
N GLN A 30 -0.42 10.64 -19.55
CA GLN A 30 -1.52 11.54 -19.57
C GLN A 30 -2.71 10.96 -18.79
N GLN A 31 -2.97 9.66 -18.97
CA GLN A 31 -4.10 8.98 -18.29
C GLN A 31 -3.89 8.99 -16.78
N ILE A 32 -2.65 8.77 -16.36
CA ILE A 32 -2.27 8.85 -14.95
C ILE A 32 -2.49 10.26 -14.39
N ASP A 33 -2.09 11.26 -15.16
CA ASP A 33 -2.26 12.67 -14.78
C ASP A 33 -3.74 12.94 -14.58
N ALA A 34 -4.56 12.47 -15.54
CA ALA A 34 -5.99 12.77 -15.49
C ALA A 34 -6.63 12.13 -14.24
N ALA A 35 -6.34 10.86 -14.00
CA ALA A 35 -6.91 10.15 -12.85
C ALA A 35 -6.44 10.79 -11.53
N SER A 36 -5.18 11.22 -11.51
CA SER A 36 -4.57 11.75 -10.32
C SER A 36 -5.19 13.09 -9.96
N ARG A 37 -5.58 13.85 -10.98
CA ARG A 37 -6.25 15.16 -10.77
C ARG A 37 -7.77 15.03 -10.53
N ASP A 38 -8.36 13.92 -10.87
CA ASP A 38 -9.79 13.71 -10.69
C ASP A 38 -10.01 13.03 -9.29
N THR A 39 -10.46 11.79 -9.25
CA THR A 39 -10.71 11.16 -7.94
C THR A 39 -9.45 10.70 -7.23
N GLY A 40 -8.34 10.58 -7.96
CA GLY A 40 -7.12 10.14 -7.33
C GLY A 40 -6.88 8.62 -7.36
N PHE A 41 -7.77 7.88 -8.04
CA PHE A 41 -7.66 6.46 -8.17
C PHE A 41 -7.71 6.05 -9.63
N PHE A 42 -6.96 5.00 -9.97
CA PHE A 42 -7.19 4.25 -11.22
C PHE A 42 -6.83 2.79 -11.05
N TYR A 43 -7.33 1.94 -11.96
CA TYR A 43 -6.88 0.53 -12.02
C TYR A 43 -5.84 0.38 -13.09
N ALA A 44 -4.72 -0.22 -12.68
CA ALA A 44 -3.70 -0.64 -13.60
C ALA A 44 -4.08 -2.01 -14.14
N VAL A 45 -4.24 -2.08 -15.45
CA VAL A 45 -4.55 -3.30 -16.15
C VAL A 45 -3.39 -3.66 -17.08
N ASN A 46 -3.38 -4.90 -17.54
CA ASN A 46 -2.19 -5.41 -18.31
C ASN A 46 -0.86 -5.20 -17.60
N HIS A 47 -0.87 -5.52 -16.30
CA HIS A 47 0.29 -5.29 -15.38
C HIS A 47 1.22 -6.49 -15.30
N GLY A 48 0.82 -7.60 -15.89
CA GLY A 48 1.71 -8.75 -15.98
C GLY A 48 1.83 -9.67 -14.75
N ILE A 49 1.17 -9.33 -13.64
CA ILE A 49 1.31 -10.09 -12.42
C ILE A 49 0.17 -11.14 -12.30
N ASN A 50 0.52 -12.33 -11.80
CA ASN A 50 -0.49 -13.36 -11.67
C ASN A 50 -1.19 -13.17 -10.33
N VAL A 51 -2.24 -12.39 -10.35
CA VAL A 51 -2.93 -12.04 -9.14
C VAL A 51 -3.82 -13.19 -8.61
N GLN A 52 -4.32 -14.06 -9.49
CA GLN A 52 -5.04 -15.23 -9.01
C GLN A 52 -4.18 -16.12 -8.16
N ARG A 53 -2.90 -16.33 -8.55
CA ARG A 53 -2.00 -17.14 -7.79
C ARG A 53 -1.63 -16.44 -6.47
N LEU A 54 -1.39 -15.13 -6.51
CA LEU A 54 -1.23 -14.32 -5.29
C LEU A 54 -2.34 -14.56 -4.29
N SER A 55 -3.57 -14.45 -4.76
CA SER A 55 -4.73 -14.65 -3.92
C SER A 55 -4.81 -16.05 -3.36
N GLN A 56 -4.51 -17.04 -4.20
CA GLN A 56 -4.52 -18.43 -3.76
C GLN A 56 -3.47 -18.74 -2.70
N LYS A 57 -2.24 -18.31 -2.95
CA LYS A 57 -1.15 -18.57 -1.98
C LYS A 57 -1.45 -17.83 -0.67
N THR A 58 -2.02 -16.65 -0.79
CA THR A 58 -2.33 -15.80 0.40
C THR A 58 -3.45 -16.49 1.22
N LYS A 59 -4.49 -16.95 0.54
CA LYS A 59 -5.56 -17.73 1.16
C LYS A 59 -5.02 -18.94 1.89
N GLU A 60 -4.14 -19.70 1.22
CA GLU A 60 -3.56 -20.90 1.83
C GLU A 60 -2.87 -20.59 3.16
N PHE A 61 -2.11 -19.51 3.18
CA PHE A 61 -1.45 -19.00 4.38
C PHE A 61 -2.40 -18.58 5.47
N HIS A 62 -3.29 -17.63 5.18
CA HIS A 62 -4.22 -17.12 6.16
C HIS A 62 -5.05 -18.21 6.78
N MET A 63 -5.48 -19.18 5.97
CA MET A 63 -6.40 -20.18 6.45
C MET A 63 -5.72 -21.32 7.20
N SER A 64 -4.41 -21.47 7.08
CA SER A 64 -3.71 -22.55 7.74
C SER A 64 -2.83 -22.14 8.93
N ILE A 65 -2.47 -20.87 9.03
CA ILE A 65 -1.67 -20.45 10.13
C ILE A 65 -2.44 -20.60 11.46
N THR A 66 -1.77 -21.11 12.49
CA THR A 66 -2.40 -21.42 13.78
C THR A 66 -2.16 -20.33 14.83
N PRO A 67 -2.97 -20.31 15.88
CA PRO A 67 -2.76 -19.31 16.92
C PRO A 67 -1.33 -19.35 17.51
N GLU A 68 -0.74 -20.54 17.65
CA GLU A 68 0.57 -20.64 18.19
C GLU A 68 1.53 -19.88 17.30
N GLU A 69 1.39 -20.07 15.98
CA GLU A 69 2.27 -19.44 15.00
C GLU A 69 2.11 -17.93 15.00
N LYS A 70 0.89 -17.43 15.14
CA LYS A 70 0.63 -16.00 15.13
C LYS A 70 1.33 -15.32 16.32
N TRP A 71 1.27 -15.93 17.50
CA TRP A 71 2.04 -15.37 18.64
C TRP A 71 3.52 -15.40 18.33
N ASP A 72 4.00 -16.49 17.74
CA ASP A 72 5.47 -16.65 17.48
C ASP A 72 6.01 -15.62 16.44
N LEU A 73 5.11 -15.10 15.64
CA LEU A 73 5.45 -14.19 14.54
C LEU A 73 5.01 -12.77 14.86
N ALA A 74 4.37 -12.59 16.02
CA ALA A 74 3.67 -11.32 16.33
C ALA A 74 4.56 -10.09 16.46
N ILE A 75 4.08 -8.95 15.93
CA ILE A 75 4.71 -7.67 16.21
C ILE A 75 4.64 -7.31 17.69
N ARG A 76 5.45 -6.33 18.05
CA ARG A 76 5.62 -5.88 19.44
C ARG A 76 4.29 -5.44 20.05
N ALA A 77 3.39 -4.92 19.23
CA ALA A 77 2.15 -4.42 19.75
C ALA A 77 1.28 -5.59 20.36
N TYR A 78 1.54 -6.82 19.90
CA TYR A 78 0.87 -8.01 20.39
C TYR A 78 1.72 -8.90 21.26
N ASN A 79 3.04 -8.76 21.17
CA ASN A 79 3.96 -9.64 21.88
C ASN A 79 5.17 -8.88 22.36
N LYS A 80 5.20 -8.55 23.63
CA LYS A 80 6.27 -7.70 24.19
C LYS A 80 7.66 -8.31 24.08
N GLU A 81 7.74 -9.62 23.79
CA GLU A 81 9.03 -10.30 23.67
C GLU A 81 9.75 -9.84 22.36
N HIS A 82 9.00 -9.29 21.43
CA HIS A 82 9.45 -9.05 20.06
C HIS A 82 9.69 -7.56 19.81
N GLN A 83 10.58 -6.99 20.63
CA GLN A 83 10.80 -5.55 20.61
C GLN A 83 11.31 -5.00 19.27
N ASP A 84 12.00 -5.81 18.52
CA ASP A 84 12.53 -5.38 17.21
C ASP A 84 11.47 -5.40 16.11
N GLN A 85 10.31 -6.01 16.35
CA GLN A 85 9.26 -6.12 15.32
C GLN A 85 8.25 -4.99 15.49
N VAL A 86 8.53 -3.85 14.90
CA VAL A 86 7.63 -2.78 14.94
C VAL A 86 6.75 -2.88 13.71
N ARG A 87 7.34 -3.14 12.57
CA ARG A 87 6.62 -3.22 11.28
C ARG A 87 6.23 -4.62 10.80
N ALA A 88 7.23 -5.48 10.74
CA ALA A 88 7.13 -6.80 10.15
C ALA A 88 6.71 -7.86 11.11
N GLY A 89 5.79 -8.68 10.65
CA GLY A 89 5.30 -9.86 11.40
C GLY A 89 3.78 -9.93 11.38
N TYR A 90 3.22 -10.64 12.36
CA TYR A 90 1.79 -10.92 12.37
C TYR A 90 1.07 -9.92 13.26
N TYR A 91 -0.07 -9.44 12.76
CA TYR A 91 -0.93 -8.52 13.46
C TYR A 91 -2.24 -9.29 13.78
N LEU A 92 -2.44 -9.66 15.03
CA LEU A 92 -3.53 -10.55 15.43
C LEU A 92 -4.90 -9.89 15.46
N SER A 93 -5.94 -10.70 15.17
CA SER A 93 -7.29 -10.33 15.43
C SER A 93 -7.52 -10.47 16.93
N ILE A 94 -8.64 -9.93 17.38
CA ILE A 94 -9.11 -10.07 18.76
C ILE A 94 -10.57 -10.50 18.66
N PRO A 95 -10.85 -11.81 18.68
CA PRO A 95 -12.24 -12.21 18.54
C PRO A 95 -13.19 -11.50 19.54
N GLY A 96 -14.35 -11.10 19.04
CA GLY A 96 -15.27 -10.29 19.83
C GLY A 96 -15.01 -8.81 19.78
N LYS A 97 -13.84 -8.38 19.29
CA LYS A 97 -13.49 -6.97 19.28
C LYS A 97 -12.89 -6.40 18.00
N LYS A 98 -12.05 -7.21 17.34
CA LYS A 98 -11.25 -6.72 16.20
C LYS A 98 -11.25 -7.85 15.20
N ALA A 99 -11.81 -7.61 14.01
CA ALA A 99 -11.93 -8.68 13.02
C ALA A 99 -10.65 -8.87 12.20
N VAL A 100 -10.09 -7.76 11.74
CA VAL A 100 -8.94 -7.81 10.81
C VAL A 100 -7.69 -8.43 11.45
N GLU A 101 -6.93 -9.13 10.63
CA GLU A 101 -5.61 -9.61 10.95
C GLU A 101 -4.77 -9.58 9.67
N SER A 102 -3.46 -9.56 9.85
CA SER A 102 -2.60 -9.42 8.69
C SER A 102 -1.17 -9.85 8.99
N PHE A 103 -0.38 -9.93 7.91
CA PHE A 103 1.05 -10.25 7.93
C PHE A 103 1.79 -9.26 7.08
N CYS A 104 2.80 -8.61 7.66
CA CYS A 104 3.56 -7.60 6.96
C CYS A 104 4.99 -8.07 6.76
N TYR A 105 5.52 -7.84 5.58
CA TYR A 105 6.96 -8.03 5.36
C TYR A 105 7.54 -6.92 4.51
N LEU A 106 8.85 -6.73 4.72
CA LEU A 106 9.63 -5.70 4.08
C LEU A 106 10.57 -6.26 3.01
N ASN A 107 11.49 -5.41 2.57
CA ASN A 107 12.52 -5.77 1.59
C ASN A 107 13.28 -7.05 2.00
N PRO A 108 13.19 -8.12 1.19
CA PRO A 108 13.97 -9.37 1.43
C PRO A 108 15.47 -9.14 1.59
N ASN A 109 15.97 -8.05 0.99
CA ASN A 109 17.40 -7.66 1.16
C ASN A 109 17.82 -7.07 2.50
N PHE A 110 16.85 -6.77 3.36
CA PHE A 110 17.10 -6.45 4.77
C PHE A 110 17.40 -7.72 5.53
N THR A 111 18.64 -8.16 5.35
CA THR A 111 19.24 -9.30 6.01
C THR A 111 20.06 -8.87 7.22
N PRO A 112 20.40 -9.82 8.10
CA PRO A 112 21.17 -9.44 9.26
C PRO A 112 22.48 -8.68 8.98
N ASP A 113 23.05 -8.86 7.80
CA ASP A 113 24.28 -8.19 7.42
C ASP A 113 24.05 -6.88 6.64
N HIS A 114 22.81 -6.47 6.42
CA HIS A 114 22.51 -5.24 5.72
C HIS A 114 22.99 -4.07 6.55
N PRO A 115 23.68 -3.10 5.91
CA PRO A 115 24.26 -2.04 6.73
C PRO A 115 23.25 -1.27 7.57
N ARG A 116 22.01 -1.20 7.12
CA ARG A 116 21.00 -0.42 7.84
C ARG A 116 20.44 -1.24 9.00
N ILE A 117 20.48 -2.56 8.84
CA ILE A 117 20.12 -3.48 9.96
C ILE A 117 21.22 -3.50 11.02
N GLN A 118 22.47 -3.58 10.57
CA GLN A 118 23.63 -3.44 11.45
C GLN A 118 23.54 -2.15 12.28
N ALA A 119 23.21 -1.05 11.64
CA ALA A 119 23.09 0.26 12.30
C ALA A 119 21.84 0.40 13.15
N LYS A 120 20.95 -0.61 13.08
CA LYS A 120 19.64 -0.53 13.72
C LYS A 120 18.90 0.76 13.37
N THR A 121 18.94 1.14 12.10
CA THR A 121 18.24 2.33 11.66
C THR A 121 16.70 2.12 11.73
N PRO A 122 15.96 3.09 12.30
CA PRO A 122 14.50 2.95 12.33
C PRO A 122 13.88 2.60 10.99
N THR A 123 12.81 1.81 11.06
CA THR A 123 11.95 1.37 9.95
C THR A 123 12.57 0.24 9.17
N HIS A 124 13.83 -0.13 9.50
CA HIS A 124 14.45 -1.30 8.86
C HIS A 124 14.39 -2.48 9.82
N GLU A 125 13.93 -3.63 9.36
CA GLU A 125 13.86 -4.87 10.14
C GLU A 125 14.11 -6.06 9.22
N VAL A 126 14.58 -7.15 9.82
CA VAL A 126 14.69 -8.43 9.12
C VAL A 126 13.33 -9.12 9.20
N ASN A 127 12.79 -9.55 8.07
CA ASN A 127 11.49 -10.24 8.04
C ASN A 127 11.48 -11.47 8.91
N VAL A 128 10.32 -11.77 9.50
CA VAL A 128 10.07 -13.04 10.19
C VAL A 128 9.17 -13.89 9.32
N TRP A 129 9.45 -15.20 9.29
CA TRP A 129 8.62 -16.11 8.49
C TRP A 129 8.15 -17.26 9.30
N PRO A 130 7.01 -17.86 8.89
CA PRO A 130 6.63 -19.10 9.56
C PRO A 130 7.57 -20.23 9.18
N ASP A 131 7.40 -21.34 9.88
CA ASP A 131 8.12 -22.57 9.64
C ASP A 131 7.90 -23.07 8.19
N GLU A 132 8.97 -23.41 7.48
CA GLU A 132 8.86 -23.85 6.11
C GLU A 132 8.02 -25.12 5.99
N THR A 133 8.21 -26.04 6.95
CA THR A 133 7.51 -27.32 6.89
C THR A 133 6.02 -27.09 7.08
N LYS A 134 5.62 -26.06 7.82
CA LYS A 134 4.17 -25.84 8.00
C LYS A 134 3.52 -25.08 6.85
N HIS A 135 4.36 -24.33 6.11
CA HIS A 135 3.91 -23.43 5.05
C HIS A 135 4.82 -23.54 3.86
N PRO A 136 4.83 -24.74 3.28
CA PRO A 136 5.85 -24.95 2.24
C PRO A 136 5.71 -24.00 1.07
N GLY A 137 6.81 -23.43 0.66
CA GLY A 137 6.77 -22.57 -0.50
C GLY A 137 6.39 -21.14 -0.20
N PHE A 138 5.85 -20.88 1.00
CA PHE A 138 5.27 -19.56 1.24
C PHE A 138 6.32 -18.43 1.23
N GLN A 139 7.38 -18.58 1.99
CA GLN A 139 8.40 -17.52 2.07
C GLN A 139 8.90 -17.23 0.65
N ASP A 140 9.17 -18.27 -0.11
CA ASP A 140 9.73 -18.03 -1.44
C ASP A 140 8.74 -17.37 -2.40
N PHE A 141 7.48 -17.80 -2.34
CA PHE A 141 6.39 -17.18 -3.07
C PHE A 141 6.26 -15.68 -2.69
N ALA A 142 6.24 -15.42 -1.39
CA ALA A 142 6.08 -14.02 -0.91
C ALA A 142 7.25 -13.14 -1.30
N GLU A 143 8.48 -13.65 -1.24
CA GLU A 143 9.63 -12.83 -1.62
C GLU A 143 9.61 -12.55 -3.11
N GLN A 144 9.31 -13.58 -3.91
CA GLN A 144 9.17 -13.39 -5.32
C GLN A 144 8.06 -12.35 -5.66
N TYR A 145 6.95 -12.41 -4.91
CA TYR A 145 5.85 -11.46 -5.14
C TYR A 145 6.34 -10.02 -4.89
N TYR A 146 7.16 -9.86 -3.87
CA TYR A 146 7.72 -8.55 -3.55
C TYR A 146 8.41 -7.99 -4.79
N TRP A 147 9.23 -8.80 -5.44
CA TRP A 147 9.98 -8.35 -6.60
C TRP A 147 9.07 -8.16 -7.82
N ASP A 148 8.01 -8.97 -7.97
CA ASP A 148 7.08 -8.78 -9.09
C ASP A 148 6.34 -7.46 -8.95
N VAL A 149 5.84 -7.19 -7.75
CA VAL A 149 5.15 -5.91 -7.52
C VAL A 149 6.09 -4.68 -7.47
N PHE A 150 7.33 -4.89 -7.04
CA PHE A 150 8.36 -3.88 -7.16
C PHE A 150 8.55 -3.48 -8.61
N GLY A 151 8.63 -4.46 -9.49
CA GLY A 151 8.78 -4.19 -10.95
C GLY A 151 7.61 -3.41 -11.52
N LEU A 152 6.40 -3.83 -11.18
CA LEU A 152 5.22 -3.05 -11.57
C LEU A 152 5.28 -1.64 -11.04
N SER A 153 5.66 -1.48 -9.78
CA SER A 153 5.72 -0.16 -9.16
C SER A 153 6.79 0.74 -9.83
N SER A 154 7.92 0.16 -10.22
CA SER A 154 8.92 0.93 -10.95
C SER A 154 8.37 1.47 -12.25
N ALA A 155 7.62 0.63 -12.95
CA ALA A 155 6.99 1.04 -14.22
C ALA A 155 5.98 2.17 -13.96
N LEU A 156 5.11 1.99 -12.95
CA LEU A 156 4.16 2.99 -12.58
C LEU A 156 4.86 4.26 -12.24
N LEU A 157 5.99 4.17 -11.55
CA LEU A 157 6.67 5.41 -11.17
C LEU A 157 7.25 6.15 -12.36
N LYS A 158 7.62 5.42 -13.41
CA LYS A 158 8.02 6.03 -14.69
C LYS A 158 6.87 6.87 -15.29
N GLY A 159 5.67 6.32 -15.22
CA GLY A 159 4.47 7.02 -15.68
C GLY A 159 4.11 8.26 -14.89
N TYR A 160 4.18 8.21 -13.57
CA TYR A 160 3.97 9.40 -12.71
C TYR A 160 5.00 10.51 -12.97
N ALA A 161 6.28 10.12 -13.11
CA ALA A 161 7.37 11.07 -13.46
C ALA A 161 7.08 11.79 -14.79
N LEU A 162 6.77 11.01 -15.81
CA LEU A 162 6.45 11.61 -17.15
C LEU A 162 5.25 12.51 -17.02
N ALA A 163 4.26 12.08 -16.23
CA ALA A 163 3.01 12.84 -16.07
C ALA A 163 3.25 14.21 -15.47
N LEU A 164 4.25 14.29 -14.58
CA LEU A 164 4.58 15.53 -13.87
C LEU A 164 5.59 16.42 -14.66
N GLY A 165 5.90 16.03 -15.87
CA GLY A 165 6.86 16.81 -16.70
C GLY A 165 8.29 16.52 -16.39
N LYS A 166 8.59 15.37 -15.76
CA LYS A 166 9.98 15.02 -15.37
C LYS A 166 10.47 13.88 -16.28
N GLU A 167 11.79 13.58 -16.23
CA GLU A 167 12.33 12.39 -16.88
C GLU A 167 11.83 11.17 -16.15
N GLU A 168 11.82 10.03 -16.84
CA GLU A 168 11.06 8.90 -16.36
C GLU A 168 11.67 8.29 -15.12
N ASN A 169 12.96 8.53 -14.88
CA ASN A 169 13.59 8.03 -13.63
C ASN A 169 13.51 8.95 -12.42
N PHE A 170 12.67 9.99 -12.48
CA PHE A 170 12.66 10.99 -11.41
C PHE A 170 12.40 10.36 -10.01
N PHE A 171 11.45 9.45 -9.95
CA PHE A 171 11.09 8.79 -8.67
C PHE A 171 11.87 7.49 -8.60
N ALA A 172 11.88 6.76 -9.72
CA ALA A 172 12.42 5.39 -9.76
C ALA A 172 13.88 5.29 -9.36
N ARG A 173 14.68 6.36 -9.54
CA ARG A 173 16.05 6.39 -9.10
C ARG A 173 16.22 6.31 -7.59
N HIS A 174 15.18 6.64 -6.83
CA HIS A 174 15.15 6.58 -5.37
C HIS A 174 14.50 5.28 -4.88
N PHE A 175 14.11 4.42 -5.81
CA PHE A 175 13.34 3.19 -5.49
C PHE A 175 14.15 2.01 -5.98
N LYS A 176 14.97 1.45 -5.07
CA LYS A 176 16.06 0.54 -5.39
C LYS A 176 15.95 -0.72 -4.60
N PRO A 177 16.20 -1.88 -5.24
CA PRO A 177 16.10 -3.15 -4.53
C PRO A 177 16.92 -3.22 -3.25
N ASP A 178 18.09 -2.56 -3.20
CA ASP A 178 18.96 -2.77 -2.04
C ASP A 178 18.51 -1.96 -0.85
N ASP A 179 17.63 -0.96 -1.02
CA ASP A 179 17.31 -0.10 0.12
C ASP A 179 15.88 0.32 0.32
N THR A 180 15.01 -0.07 -0.57
CA THR A 180 13.63 0.39 -0.48
C THR A 180 12.96 0.00 0.83
N LEU A 181 12.18 0.92 1.39
CA LEU A 181 11.42 0.69 2.62
C LEU A 181 10.02 0.22 2.28
N ALA A 182 9.78 -0.17 1.02
CA ALA A 182 8.46 -0.71 0.61
C ALA A 182 8.08 -1.97 1.42
N SER A 183 6.78 -2.11 1.66
CA SER A 183 6.27 -3.25 2.37
C SER A 183 5.06 -3.84 1.63
N VAL A 184 4.89 -5.15 1.84
CA VAL A 184 3.70 -5.88 1.50
C VAL A 184 2.93 -6.17 2.77
N VAL A 185 1.60 -5.97 2.71
CA VAL A 185 0.73 -6.36 3.80
C VAL A 185 -0.34 -7.34 3.27
N LEU A 186 -0.42 -8.55 3.87
CA LEU A 186 -1.41 -9.55 3.47
C LEU A 186 -2.55 -9.51 4.49
N ILE A 187 -3.56 -8.69 4.20
CA ILE A 187 -4.67 -8.45 5.14
C ILE A 187 -5.82 -9.42 4.88
N ARG A 188 -6.24 -10.09 5.95
CA ARG A 188 -7.39 -10.93 5.97
C ARG A 188 -8.52 -10.13 6.62
N TYR A 189 -9.59 -9.93 5.85
CA TYR A 189 -10.84 -9.45 6.40
C TYR A 189 -11.80 -10.61 6.41
N PRO A 190 -12.17 -11.11 7.62
CA PRO A 190 -12.94 -12.33 7.72
C PRO A 190 -14.42 -12.19 7.56
N TYR A 191 -15.06 -13.28 7.16
CA TYR A 191 -16.48 -13.47 7.44
C TYR A 191 -16.68 -13.95 8.88
N LEU A 192 -17.61 -13.37 9.58
CA LEU A 192 -17.90 -13.78 10.94
C LEU A 192 -19.37 -13.84 11.21
N ASP A 193 -19.80 -14.92 11.86
CA ASP A 193 -21.21 -15.07 12.18
C ASP A 193 -21.35 -15.55 13.61
N PRO A 194 -21.74 -14.66 14.52
CA PRO A 194 -22.15 -13.26 14.37
C PRO A 194 -20.93 -12.34 14.24
N TYR A 195 -21.11 -11.22 13.58
CA TYR A 195 -20.03 -10.25 13.42
C TYR A 195 -20.17 -9.29 14.60
N PRO A 196 -19.14 -9.20 15.44
CA PRO A 196 -19.31 -8.37 16.63
C PRO A 196 -19.40 -6.85 16.32
N GLU A 197 -20.38 -6.22 16.91
CA GLU A 197 -20.54 -4.77 16.79
C GLU A 197 -19.32 -3.99 17.18
N ALA A 198 -18.66 -4.46 18.24
CA ALA A 198 -17.37 -3.88 18.64
C ALA A 198 -16.38 -3.78 17.55
N ALA A 199 -16.46 -4.66 16.53
CA ALA A 199 -15.49 -4.62 15.46
C ALA A 199 -15.94 -3.75 14.25
N ILE A 200 -17.09 -3.09 14.40
CA ILE A 200 -17.68 -2.26 13.34
C ILE A 200 -17.68 -0.80 13.82
N LYS A 201 -17.06 0.08 13.03
CA LYS A 201 -17.00 1.49 13.34
C LYS A 201 -18.11 2.14 12.57
N THR A 202 -18.48 3.36 12.97
CA THR A 202 -19.55 4.09 12.31
C THR A 202 -19.05 5.45 11.93
N ALA A 203 -19.13 5.77 10.66
CA ALA A 203 -18.77 7.10 10.19
C ALA A 203 -19.76 8.18 10.59
N ALA A 204 -19.32 9.44 10.52
CA ALA A 204 -20.22 10.54 10.86
C ALA A 204 -21.51 10.51 9.99
N ASP A 205 -21.40 10.02 8.77
CA ASP A 205 -22.55 9.93 7.92
C ASP A 205 -23.37 8.67 8.08
N GLY A 206 -23.06 7.86 9.10
CA GLY A 206 -23.77 6.64 9.33
C GLY A 206 -23.24 5.39 8.69
N THR A 207 -22.32 5.54 7.75
CA THR A 207 -21.77 4.36 7.04
C THR A 207 -20.99 3.46 8.02
N LYS A 208 -21.27 2.17 7.98
CA LYS A 208 -20.57 1.23 8.78
C LYS A 208 -19.20 0.94 8.13
N LEU A 209 -18.15 1.03 8.94
CA LEU A 209 -16.78 0.90 8.47
C LEU A 209 -15.99 -0.15 9.18
N SER A 210 -14.97 -0.64 8.47
CA SER A 210 -13.95 -1.42 9.07
C SER A 210 -12.66 -0.63 9.34
N PHE A 211 -12.39 0.41 8.56
CA PHE A 211 -11.22 1.27 8.76
C PHE A 211 -11.58 2.66 8.31
N GLU A 212 -11.32 3.65 9.20
CA GLU A 212 -11.72 5.05 9.02
C GLU A 212 -10.96 5.75 7.90
N TRP A 213 -11.45 6.93 7.64
CA TRP A 213 -10.86 7.77 6.60
C TRP A 213 -9.38 8.06 6.87
N HIS A 214 -8.57 8.16 5.82
CA HIS A 214 -7.12 8.38 5.95
C HIS A 214 -6.59 8.77 4.60
N GLU A 215 -5.39 9.34 4.61
CA GLU A 215 -4.54 9.37 3.43
C GLU A 215 -3.47 8.31 3.62
N ASP A 216 -2.97 7.74 2.53
CA ASP A 216 -1.95 6.68 2.62
C ASP A 216 -0.58 7.28 2.97
N VAL A 217 0.16 6.50 3.77
CA VAL A 217 1.57 6.79 4.08
C VAL A 217 2.39 5.98 3.02
N SER A 218 2.72 6.66 1.93
CA SER A 218 3.41 6.10 0.83
C SER A 218 3.73 7.21 -0.17
N LEU A 219 4.50 6.86 -1.18
CA LEU A 219 4.60 7.69 -2.41
C LEU A 219 3.42 7.37 -3.32
N ILE A 220 3.29 6.09 -3.63
CA ILE A 220 2.05 5.57 -4.20
C ILE A 220 1.73 4.23 -3.54
N THR A 221 0.49 3.78 -3.74
CA THR A 221 0.05 2.50 -3.20
C THR A 221 -0.48 1.63 -4.36
N VAL A 222 -0.13 0.36 -4.35
CA VAL A 222 -0.35 -0.58 -5.43
C VAL A 222 -1.11 -1.76 -4.81
N LEU A 223 -2.42 -1.77 -4.98
CA LEU A 223 -3.32 -2.60 -4.15
C LEU A 223 -4.07 -3.66 -4.95
N TYR A 224 -3.96 -4.89 -4.48
CA TYR A 224 -4.82 -5.98 -4.92
C TYR A 224 -5.93 -6.23 -3.86
N GLN A 225 -7.17 -6.31 -4.31
CA GLN A 225 -8.24 -6.79 -3.47
C GLN A 225 -9.13 -7.79 -4.17
N SER A 226 -9.73 -8.66 -3.37
CA SER A 226 -10.82 -9.54 -3.83
C SER A 226 -11.97 -8.78 -4.46
N ASN A 227 -12.86 -9.54 -5.07
CA ASN A 227 -13.94 -8.93 -5.79
C ASN A 227 -15.14 -8.68 -4.87
N VAL A 228 -14.93 -7.95 -3.77
CA VAL A 228 -16.03 -7.58 -2.90
C VAL A 228 -15.92 -6.08 -2.70
N GLN A 229 -16.95 -5.36 -3.11
CA GLN A 229 -16.93 -3.90 -3.03
C GLN A 229 -16.87 -3.47 -1.60
N ASN A 230 -15.91 -2.59 -1.30
CA ASN A 230 -15.76 -2.08 0.06
C ASN A 230 -15.20 -0.71 0.20
N LEU A 231 -14.39 -0.24 -0.78
CA LEU A 231 -13.70 1.08 -0.69
C LEU A 231 -14.54 2.28 -1.09
N GLN A 232 -14.34 3.41 -0.36
CA GLN A 232 -14.91 4.68 -0.77
C GLN A 232 -13.85 5.77 -0.77
N VAL A 233 -13.97 6.69 -1.71
CA VAL A 233 -13.10 7.84 -1.86
C VAL A 233 -13.91 9.14 -1.66
N GLU A 234 -13.36 10.06 -0.88
CA GLU A 234 -14.00 11.35 -0.70
C GLU A 234 -13.69 12.20 -1.94
N THR A 235 -14.74 12.72 -2.55
CA THR A 235 -14.58 13.65 -3.65
C THR A 235 -15.32 14.93 -3.29
N ALA A 236 -15.30 15.90 -4.20
CA ALA A 236 -16.08 17.13 -3.94
C ALA A 236 -17.57 16.84 -3.89
N ALA A 237 -17.99 15.75 -4.51
CA ALA A 237 -19.38 15.30 -4.44
C ALA A 237 -19.66 14.34 -3.28
N GLY A 238 -18.71 14.19 -2.37
CA GLY A 238 -18.94 13.39 -1.16
C GLY A 238 -18.24 12.06 -1.35
N TYR A 239 -18.50 11.11 -0.47
CA TYR A 239 -17.86 9.78 -0.58
C TYR A 239 -18.51 9.02 -1.71
N GLN A 240 -17.69 8.41 -2.55
CA GLN A 240 -18.14 7.62 -3.65
C GLN A 240 -17.58 6.22 -3.60
N ASP A 241 -18.32 5.26 -4.13
CA ASP A 241 -17.93 3.85 -4.08
C ASP A 241 -16.93 3.52 -5.20
N ILE A 242 -15.81 2.91 -4.83
CA ILE A 242 -14.87 2.35 -5.78
C ILE A 242 -15.24 0.94 -6.14
N GLU A 243 -15.53 0.73 -7.40
CA GLU A 243 -15.86 -0.61 -7.81
C GLU A 243 -14.67 -1.58 -7.62
N ALA A 244 -14.99 -2.80 -7.21
CA ALA A 244 -13.95 -3.83 -7.07
C ALA A 244 -13.59 -4.34 -8.46
N ASP A 245 -12.36 -4.82 -8.61
CA ASP A 245 -11.87 -5.45 -9.83
C ASP A 245 -10.68 -6.32 -9.39
N ASP A 246 -10.91 -7.61 -9.25
CA ASP A 246 -9.85 -8.54 -8.78
C ASP A 246 -8.92 -9.02 -9.89
N THR A 247 -8.98 -8.36 -11.03
CA THR A 247 -8.04 -8.59 -12.06
C THR A 247 -6.95 -7.51 -12.21
N GLY A 248 -7.19 -6.35 -11.62
CA GLY A 248 -6.25 -5.22 -11.74
C GLY A 248 -5.69 -4.81 -10.41
N TYR A 249 -4.80 -3.82 -10.43
CA TYR A 249 -4.31 -3.19 -9.24
C TYR A 249 -4.89 -1.79 -9.08
N LEU A 250 -5.44 -1.52 -7.92
CA LEU A 250 -5.93 -0.21 -7.64
C LEU A 250 -4.73 0.63 -7.21
N ILE A 251 -4.58 1.76 -7.88
CA ILE A 251 -3.44 2.65 -7.63
C ILE A 251 -3.94 4.00 -7.11
N ASN A 252 -3.24 4.55 -6.12
CA ASN A 252 -3.40 5.92 -5.68
C ASN A 252 -2.10 6.47 -5.10
N CYS A 253 -2.07 7.79 -5.01
CA CYS A 253 -0.97 8.54 -4.39
C CYS A 253 -1.11 8.58 -2.85
N GLY A 254 0.02 8.56 -2.17
CA GLY A 254 0.08 8.76 -0.76
C GLY A 254 0.59 10.18 -0.51
N SER A 255 0.73 10.53 0.78
CA SER A 255 0.91 11.91 1.19
C SER A 255 2.36 12.36 0.87
N TYR A 256 3.29 11.42 0.62
CA TYR A 256 4.58 11.91 0.16
C TYR A 256 4.47 12.51 -1.23
N MET A 257 3.66 11.90 -2.12
CA MET A 257 3.48 12.49 -3.45
C MET A 257 2.81 13.86 -3.38
N ALA A 258 1.83 13.95 -2.50
CA ALA A 258 1.16 15.24 -2.26
C ALA A 258 2.18 16.30 -1.79
N HIS A 259 3.06 15.95 -0.87
CA HIS A 259 4.10 16.89 -0.45
C HIS A 259 4.98 17.32 -1.63
N LEU A 260 5.52 16.36 -2.39
CA LEU A 260 6.44 16.67 -3.49
C LEU A 260 5.82 17.53 -4.55
N THR A 261 4.52 17.36 -4.76
CA THR A 261 3.86 18.00 -5.90
C THR A 261 3.06 19.26 -5.47
N ASN A 262 3.17 19.62 -4.20
CA ASN A 262 2.40 20.74 -3.61
C ASN A 262 0.88 20.52 -3.83
N ASN A 263 0.45 19.30 -3.58
CA ASN A 263 -0.93 18.91 -3.70
C ASN A 263 -1.48 18.98 -5.12
N TYR A 264 -0.63 19.05 -6.14
CA TYR A 264 -1.12 18.87 -7.51
C TYR A 264 -1.67 17.45 -7.70
N TYR A 265 -0.96 16.44 -7.21
CA TYR A 265 -1.51 15.09 -7.04
C TYR A 265 -1.75 14.90 -5.57
N LYS A 266 -3.01 15.11 -5.16
CA LYS A 266 -3.39 14.92 -3.80
C LYS A 266 -3.32 13.43 -3.41
N ALA A 267 -3.18 13.20 -2.11
CA ALA A 267 -3.30 11.88 -1.58
C ALA A 267 -4.82 11.72 -1.27
N PRO A 268 -5.54 10.91 -2.04
CA PRO A 268 -7.00 10.93 -1.85
C PRO A 268 -7.40 10.37 -0.52
N ILE A 269 -8.37 11.02 0.15
CA ILE A 269 -8.94 10.46 1.37
C ILE A 269 -9.88 9.31 1.03
N HIS A 270 -9.70 8.18 1.70
CA HIS A 270 -10.53 7.05 1.46
C HIS A 270 -10.73 6.25 2.72
N ARG A 271 -11.71 5.35 2.72
CA ARG A 271 -12.03 4.56 3.92
C ARG A 271 -12.54 3.20 3.46
N VAL A 272 -12.67 2.29 4.41
CA VAL A 272 -13.04 0.91 4.17
C VAL A 272 -14.38 0.60 4.83
N LYS A 273 -15.37 0.36 3.99
CA LYS A 273 -16.69 -0.05 4.50
C LYS A 273 -16.65 -1.44 5.14
N TRP A 274 -17.46 -1.58 6.20
CA TRP A 274 -17.73 -2.85 6.77
C TRP A 274 -18.55 -3.71 5.79
N VAL A 275 -18.05 -4.89 5.50
CA VAL A 275 -18.77 -5.91 4.70
C VAL A 275 -18.54 -7.23 5.37
N ASN A 276 -19.59 -8.02 5.61
CA ASN A 276 -19.39 -9.35 6.25
C ASN A 276 -19.12 -10.41 5.16
N ALA A 277 -17.85 -10.45 4.75
CA ALA A 277 -17.39 -11.25 3.64
C ALA A 277 -15.95 -11.60 3.88
N GLU A 278 -15.56 -12.83 3.58
CA GLU A 278 -14.18 -13.28 3.69
C GLU A 278 -13.40 -12.78 2.47
N ARG A 279 -12.44 -11.90 2.68
CA ARG A 279 -11.81 -11.21 1.58
C ARG A 279 -10.39 -10.82 1.90
N GLN A 280 -9.71 -10.30 0.88
CA GLN A 280 -8.29 -9.94 0.94
C GLN A 280 -8.06 -8.50 0.54
N SER A 281 -7.20 -7.84 1.30
CA SER A 281 -6.71 -6.55 0.94
C SER A 281 -5.18 -6.66 0.99
N LEU A 282 -4.53 -6.53 -0.16
CA LEU A 282 -3.07 -6.86 -0.26
C LEU A 282 -2.28 -5.67 -0.83
N PRO A 283 -2.08 -4.64 0.01
CA PRO A 283 -1.32 -3.50 -0.47
C PRO A 283 0.16 -3.69 -0.50
N PHE A 284 0.75 -3.02 -1.49
CA PHE A 284 2.21 -2.78 -1.59
C PHE A 284 2.39 -1.27 -1.50
N PHE A 285 3.07 -0.85 -0.45
CA PHE A 285 3.32 0.56 -0.19
C PHE A 285 4.65 0.89 -0.80
N VAL A 286 4.60 1.76 -1.83
CA VAL A 286 5.81 2.18 -2.53
C VAL A 286 6.47 3.28 -1.75
N ASN A 287 7.50 2.85 -1.01
CA ASN A 287 8.31 3.71 -0.15
C ASN A 287 9.69 3.83 -0.76
N LEU A 288 10.36 4.99 -0.60
CA LEU A 288 11.72 5.16 -1.12
C LEU A 288 12.73 4.66 -0.07
N GLY A 289 13.98 5.10 -0.19
CA GLY A 289 15.02 4.75 0.80
C GLY A 289 15.02 5.71 1.96
N TYR A 290 15.70 5.30 3.04
CA TYR A 290 15.60 6.05 4.27
C TYR A 290 16.07 7.52 4.13
N ASP A 291 17.12 7.70 3.34
CA ASP A 291 17.70 9.02 3.11
C ASP A 291 17.25 9.67 1.82
N SER A 292 16.30 9.09 1.10
CA SER A 292 15.86 9.68 -0.13
C SER A 292 15.18 11.00 0.14
N VAL A 293 15.63 12.03 -0.59
CA VAL A 293 15.01 13.33 -0.53
C VAL A 293 14.72 13.77 -1.97
N ILE A 294 13.50 14.10 -2.24
CA ILE A 294 13.19 14.76 -3.50
C ILE A 294 12.83 16.21 -3.18
N ASP A 295 13.40 17.17 -3.90
CA ASP A 295 13.04 18.55 -3.70
C ASP A 295 11.59 18.79 -4.16
N PRO A 296 10.77 19.34 -3.25
CA PRO A 296 9.41 19.60 -3.62
C PRO A 296 9.30 20.60 -4.80
N PHE A 297 8.27 20.49 -5.62
CA PHE A 297 8.04 21.40 -6.76
C PHE A 297 6.57 21.58 -6.96
N ASP A 298 6.19 22.40 -7.92
CA ASP A 298 4.77 22.66 -8.19
C ASP A 298 4.56 22.84 -9.68
N PRO A 299 4.04 21.82 -10.34
CA PRO A 299 3.66 21.77 -11.77
C PRO A 299 2.49 22.67 -12.25
N ARG A 300 1.92 23.45 -11.33
CA ARG A 300 0.99 24.47 -11.69
C ARG A 300 1.61 25.86 -11.66
N GLU A 301 2.87 25.97 -11.27
CA GLU A 301 3.53 27.28 -11.22
C GLU A 301 4.54 27.41 -12.35
N PRO A 302 4.52 28.52 -13.08
CA PRO A 302 5.49 28.73 -14.16
C PRO A 302 6.90 28.39 -13.78
N ASN A 303 7.41 28.84 -12.63
CA ASN A 303 8.82 28.49 -12.32
C ASN A 303 9.01 27.15 -11.62
N GLY A 304 7.94 26.39 -11.43
CA GLY A 304 8.01 25.08 -10.82
C GLY A 304 8.31 25.10 -9.34
N LYS A 305 8.48 26.27 -8.74
CA LYS A 305 8.95 26.34 -7.33
C LYS A 305 7.81 26.13 -6.30
N SER A 306 8.16 25.54 -5.15
CA SER A 306 7.22 25.24 -4.07
C SER A 306 7.60 25.96 -2.76
N ASP A 307 6.62 26.36 -1.94
CA ASP A 307 6.93 26.89 -0.57
C ASP A 307 6.94 25.79 0.53
N ARG A 308 7.18 24.54 0.11
CA ARG A 308 7.34 23.38 1.00
C ARG A 308 8.85 23.06 1.12
N GLU A 309 9.28 22.48 2.24
CA GLU A 309 10.66 22.17 2.51
C GLU A 309 10.91 20.67 2.29
N PRO A 310 12.16 20.31 1.92
CA PRO A 310 12.42 18.90 1.69
C PRO A 310 12.28 18.09 2.97
N LEU A 311 11.80 16.86 2.79
CA LEU A 311 11.50 15.95 3.87
C LEU A 311 12.11 14.64 3.43
N SER A 312 12.99 14.05 4.25
CA SER A 312 13.58 12.74 3.90
C SER A 312 12.53 11.65 4.07
N TYR A 313 12.57 10.67 3.19
CA TYR A 313 11.56 9.61 3.21
C TYR A 313 11.50 8.87 4.57
N GLY A 314 12.66 8.59 5.17
CA GLY A 314 12.65 7.86 6.44
C GLY A 314 11.96 8.62 7.55
N ASP A 315 12.23 9.90 7.63
CA ASP A 315 11.51 10.75 8.58
C ASP A 315 9.99 10.71 8.30
N TYR A 316 9.61 11.01 7.08
CA TYR A 316 8.23 10.90 6.63
C TYR A 316 7.54 9.59 7.05
N LEU A 317 8.22 8.47 6.79
CA LEU A 317 7.62 7.18 6.98
C LEU A 317 7.45 6.89 8.47
N GLN A 318 8.50 7.05 9.27
CA GLN A 318 8.35 6.72 10.69
C GLN A 318 7.25 7.55 11.34
N ASN A 319 7.23 8.86 11.07
CA ASN A 319 6.17 9.72 11.64
C ASN A 319 4.82 9.36 11.09
N GLY A 320 4.73 9.05 9.81
CA GLY A 320 3.47 8.73 9.17
C GLY A 320 2.82 7.50 9.76
N LEU A 321 3.61 6.44 9.95
CA LEU A 321 3.07 5.20 10.45
C LEU A 321 2.62 5.30 11.89
N VAL A 322 3.34 6.03 12.72
CA VAL A 322 2.89 6.31 14.07
C VAL A 322 1.60 7.13 14.07
N SER A 323 1.54 8.17 13.23
CA SER A 323 0.35 9.03 13.19
C SER A 323 -0.87 8.24 12.75
N LEU A 324 -0.69 7.34 11.78
CA LEU A 324 -1.78 6.56 11.31
C LEU A 324 -2.36 5.62 12.40
N ILE A 325 -1.47 5.04 13.18
CA ILE A 325 -1.90 4.21 14.33
C ILE A 325 -2.66 5.09 15.36
N ASN A 326 -2.11 6.25 15.68
CA ASN A 326 -2.80 7.16 16.61
C ASN A 326 -4.18 7.53 16.11
N LYS A 327 -4.31 7.79 14.81
CA LYS A 327 -5.59 8.26 14.24
C LYS A 327 -6.63 7.17 14.16
N ASN A 328 -6.24 6.03 13.60
CA ASN A 328 -7.17 4.99 13.16
C ASN A 328 -7.00 3.69 13.92
N GLY A 329 -6.07 3.65 14.87
CA GLY A 329 -5.85 2.49 15.70
C GLY A 329 -4.81 1.49 15.23
N GLN A 330 -4.32 0.73 16.19
CA GLN A 330 -3.38 -0.38 15.88
C GLN A 330 -4.11 -1.45 15.08
N THR A 331 -3.62 -1.77 13.89
CA THR A 331 -4.25 -2.79 13.06
C THR A 331 -3.72 -4.19 13.45
FE FE2 B . -5.27 3.33 2.39
O V20 C . 4.83 -0.62 6.00
C V20 C . 4.43 -1.07 7.13
OXT V20 C . 5.18 -1.24 8.12
CA V20 C . 2.98 -1.44 7.31
N V20 C . 2.70 -2.10 8.64
CB V20 C . 2.18 -0.15 7.13
CAJ V20 C . 0.65 -0.38 7.27
CAL V20 C . -0.11 0.94 7.29
CAT V20 C . -1.61 0.71 7.31
OAE V20 C . -2.17 0.32 8.32
NAO V20 C . -2.27 0.96 6.19
CAW V20 C . -3.72 0.80 6.09
CAK V20 C . -4.29 2.03 5.49
SAI V20 C . -3.55 2.37 3.86
CAU V20 C . -4.03 -0.37 5.20
OAF V20 C . -3.22 -1.11 4.71
OAP V20 C . -5.38 -0.49 4.86
CAX V20 C . -5.73 -1.28 3.71
CAS V20 C . -7.10 -1.89 4.02
OAD V20 C . -7.55 -1.81 5.21
OAH V20 C . -7.78 -2.43 3.09
CAN V20 C . -5.74 -0.27 2.56
SAQ V20 C . -6.79 1.15 2.79
CAA V20 C . -7.97 0.87 1.47
#